data_2N8D
#
_entry.id   2N8D
#
_entity_poly.entity_id   1
_entity_poly.type   'polypeptide(L)'
_entity_poly.pdbx_seq_one_letter_code
;WDPYFAGVKKLTKAILAVRA(NH2)
;
_entity_poly.pdbx_strand_id   A
#
# COMPACT_ATOMS: atom_id res chain seq x y z
N TRP A 1 -3.11 8.53 11.78
CA TRP A 1 -2.08 9.26 11.02
C TRP A 1 -1.80 8.63 9.67
N ASP A 2 -2.23 9.30 8.60
CA ASP A 2 -2.02 8.84 7.23
C ASP A 2 -2.06 10.01 6.25
N PRO A 3 -0.99 10.81 6.18
CA PRO A 3 -0.91 11.98 5.31
C PRO A 3 -0.76 11.60 3.84
N TYR A 4 -0.31 10.37 3.56
CA TYR A 4 -0.18 9.84 2.20
C TYR A 4 -0.05 8.33 2.15
N PHE A 5 0.69 7.76 3.11
CA PHE A 5 0.87 6.33 3.27
C PHE A 5 1.12 5.82 4.68
N ALA A 6 1.91 6.56 5.47
CA ALA A 6 2.29 6.14 6.82
C ALA A 6 2.86 4.72 6.86
N GLY A 7 3.35 4.20 5.73
CA GLY A 7 3.92 2.87 5.68
C GLY A 7 2.99 1.82 5.07
N VAL A 8 1.74 2.18 4.79
CA VAL A 8 0.74 1.24 4.27
C VAL A 8 1.08 0.78 2.86
N LYS A 9 1.92 1.51 2.11
CA LYS A 9 2.25 1.14 0.75
C LYS A 9 2.98 -0.20 0.67
N LYS A 10 3.39 -0.77 1.80
CA LYS A 10 3.99 -2.10 1.82
C LYS A 10 2.95 -3.15 1.42
N LEU A 11 1.67 -2.82 1.54
CA LEU A 11 0.59 -3.68 1.10
C LEU A 11 0.10 -3.26 -0.28
N THR A 12 -0.01 -1.94 -0.51
CA THR A 12 -0.47 -1.42 -1.79
C THR A 12 0.47 -1.69 -2.96
N LYS A 13 1.76 -1.87 -2.70
CA LYS A 13 2.72 -2.20 -3.73
C LYS A 13 2.51 -3.62 -4.24
N ALA A 14 2.03 -4.51 -3.36
CA ALA A 14 1.71 -5.88 -3.76
C ALA A 14 0.37 -5.91 -4.49
N ILE A 15 -0.60 -5.12 -4.04
CA ILE A 15 -1.91 -5.05 -4.66
C ILE A 15 -1.81 -4.44 -6.05
N LEU A 16 -0.83 -3.55 -6.25
CA LEU A 16 -0.61 -2.89 -7.52
C LEU A 16 -0.22 -3.90 -8.61
N ALA A 17 0.31 -5.06 -8.20
CA ALA A 17 0.67 -6.12 -9.12
C ALA A 17 -0.51 -7.08 -9.35
N VAL A 18 -1.48 -7.08 -8.44
CA VAL A 18 -2.64 -7.97 -8.54
C VAL A 18 -3.66 -7.37 -9.50
N ARG A 19 -3.91 -6.06 -9.43
CA ARG A 19 -4.87 -5.41 -10.30
C ARG A 19 -4.23 -4.92 -11.59
N ALA A 20 -5.06 -4.69 -12.60
CA ALA A 20 -4.61 -4.21 -13.90
C ALA A 20 -4.21 -2.74 -13.82
N TRP A 1 -2.81 7.51 12.75
CA TRP A 1 -1.84 8.34 12.02
C TRP A 1 -1.63 7.85 10.58
N ASP A 2 -2.13 8.60 9.60
CA ASP A 2 -1.97 8.30 8.20
C ASP A 2 -2.10 9.56 7.34
N PRO A 3 -1.07 10.40 7.32
CA PRO A 3 -1.05 11.66 6.58
C PRO A 3 -0.98 11.42 5.07
N TYR A 4 -0.48 10.25 4.64
CA TYR A 4 -0.42 9.88 3.23
C TYR A 4 -0.27 8.38 3.00
N PHE A 5 0.58 7.74 3.83
CA PHE A 5 0.81 6.30 3.81
C PHE A 5 1.16 5.66 5.13
N ALA A 6 1.96 6.33 5.97
CA ALA A 6 2.39 5.82 7.26
C ALA A 6 2.98 4.41 7.20
N GLY A 7 3.45 3.99 6.02
CA GLY A 7 4.05 2.68 5.85
C GLY A 7 3.10 1.64 5.25
N VAL A 8 1.82 2.00 5.05
CA VAL A 8 0.81 1.11 4.49
C VAL A 8 1.14 0.74 3.04
N LYS A 9 1.97 1.53 2.37
CA LYS A 9 2.31 1.26 0.97
C LYS A 9 3.07 -0.05 0.78
N LYS A 10 3.44 -0.74 1.86
CA LYS A 10 4.05 -2.06 1.75
C LYS A 10 2.98 -3.07 1.34
N LEU A 11 1.71 -2.76 1.62
CA LEU A 11 0.60 -3.59 1.20
C LEU A 11 0.12 -3.17 -0.18
N THR A 12 0.05 -1.86 -0.42
CA THR A 12 -0.46 -1.38 -1.70
C THR A 12 0.43 -1.68 -2.89
N LYS A 13 1.75 -1.81 -2.68
CA LYS A 13 2.66 -2.15 -3.75
C LYS A 13 2.40 -3.57 -4.26
N ALA A 14 1.92 -4.46 -3.39
CA ALA A 14 1.59 -5.82 -3.78
C ALA A 14 0.25 -5.86 -4.50
N ILE A 15 -0.66 -4.94 -4.19
CA ILE A 15 -1.97 -4.90 -4.82
C ILE A 15 -1.85 -4.41 -6.26
N LEU A 16 -0.91 -3.50 -6.55
CA LEU A 16 -0.72 -3.00 -7.90
C LEU A 16 -0.22 -4.12 -8.83
N ALA A 17 0.34 -5.19 -8.26
CA ALA A 17 0.77 -6.34 -9.04
C ALA A 17 -0.42 -7.25 -9.34
N VAL A 18 -1.42 -7.26 -8.44
CA VAL A 18 -2.61 -8.08 -8.61
C VAL A 18 -3.57 -7.41 -9.61
N ARG A 19 -3.56 -6.07 -9.65
CA ARG A 19 -4.37 -5.31 -10.59
C ARG A 19 -3.74 -5.25 -11.98
N ALA A 20 -2.57 -5.88 -12.15
CA ALA A 20 -1.84 -5.92 -13.40
C ALA A 20 -1.49 -4.52 -13.94
N TRP A 1 -0.81 5.76 14.73
CA TRP A 1 0.04 6.68 13.96
C TRP A 1 -0.70 7.19 12.74
N ASP A 2 -0.46 6.61 11.55
CA ASP A 2 -1.22 6.89 10.34
C ASP A 2 -1.54 8.36 10.05
N PRO A 3 -0.53 9.23 9.97
CA PRO A 3 -0.71 10.67 9.76
C PRO A 3 -1.29 10.99 8.38
N TYR A 4 -1.15 10.07 7.42
CA TYR A 4 -1.74 10.22 6.09
C TYR A 4 -1.89 8.92 5.32
N PHE A 5 -0.91 8.02 5.46
CA PHE A 5 -0.92 6.73 4.77
C PHE A 5 0.20 5.91 5.43
N ALA A 6 1.27 6.55 5.90
CA ALA A 6 2.38 5.88 6.54
C ALA A 6 2.92 4.74 5.67
N GLY A 7 3.56 3.74 6.30
CA GLY A 7 4.16 2.61 5.61
C GLY A 7 3.15 1.63 5.01
N VAL A 8 1.85 1.98 5.00
CA VAL A 8 0.81 1.11 4.48
C VAL A 8 1.05 0.82 2.99
N LYS A 9 1.91 1.60 2.32
CA LYS A 9 2.21 1.39 0.91
C LYS A 9 2.88 0.03 0.68
N LYS A 10 3.35 -0.64 1.75
CA LYS A 10 3.96 -1.95 1.62
C LYS A 10 2.93 -2.99 1.20
N LEU A 11 1.66 -2.76 1.54
CA LEU A 11 0.58 -3.65 1.12
C LEU A 11 0.12 -3.26 -0.28
N THR A 12 0.06 -1.96 -0.56
CA THR A 12 -0.36 -1.50 -1.88
C THR A 12 0.62 -1.85 -3.00
N LYS A 13 1.90 -2.01 -2.68
CA LYS A 13 2.90 -2.40 -3.67
C LYS A 13 2.60 -3.81 -4.20
N ALA A 14 1.97 -4.64 -3.37
CA ALA A 14 1.56 -5.98 -3.77
C ALA A 14 0.19 -5.96 -4.47
N ILE A 15 -0.67 -5.01 -4.11
CA ILE A 15 -1.99 -4.93 -4.70
C ILE A 15 -1.92 -4.39 -6.12
N LEU A 16 -1.02 -3.44 -6.40
CA LEU A 16 -0.86 -2.90 -7.74
C LEU A 16 -0.32 -3.98 -8.67
N ALA A 17 0.31 -5.03 -8.13
CA ALA A 17 0.79 -6.14 -8.93
C ALA A 17 -0.37 -7.08 -9.27
N VAL A 18 -1.38 -7.17 -8.39
CA VAL A 18 -2.55 -8.00 -8.62
C VAL A 18 -3.45 -7.28 -9.64
N ARG A 19 -3.46 -5.95 -9.61
CA ARG A 19 -4.21 -5.14 -10.56
C ARG A 19 -3.48 -4.98 -11.89
N ALA A 20 -2.32 -5.62 -12.03
CA ALA A 20 -1.52 -5.59 -13.24
C ALA A 20 -1.17 -4.16 -13.67
N TRP A 1 -3.67 5.60 12.34
CA TRP A 1 -2.72 6.69 12.07
C TRP A 1 -2.24 6.66 10.62
N ASP A 2 -2.68 7.63 9.81
CA ASP A 2 -2.34 7.69 8.40
C ASP A 2 -2.34 9.11 7.80
N PRO A 3 -1.58 10.06 8.38
CA PRO A 3 -1.48 11.43 7.90
C PRO A 3 -0.75 11.48 6.55
N TYR A 4 -0.11 10.37 6.17
CA TYR A 4 0.53 10.15 4.89
C TYR A 4 0.59 8.62 4.82
N PHE A 5 1.35 8.05 3.88
CA PHE A 5 1.49 6.61 3.78
C PHE A 5 1.70 5.84 5.08
N ALA A 6 2.44 6.40 6.03
CA ALA A 6 2.72 5.77 7.31
C ALA A 6 3.21 4.32 7.18
N GLY A 7 3.74 3.94 6.01
CA GLY A 7 4.24 2.59 5.79
C GLY A 7 3.22 1.65 5.16
N VAL A 8 1.98 2.10 4.94
CA VAL A 8 0.90 1.28 4.40
C VAL A 8 1.18 0.82 2.97
N LYS A 9 2.03 1.54 2.22
CA LYS A 9 2.29 1.16 0.83
C LYS A 9 3.01 -0.19 0.72
N LYS A 10 3.44 -0.77 1.83
CA LYS A 10 4.04 -2.11 1.80
C LYS A 10 2.96 -3.13 1.45
N LEU A 11 1.69 -2.78 1.71
CA LEU A 11 0.55 -3.60 1.34
C LEU A 11 0.11 -3.25 -0.07
N THR A 12 0.05 -1.94 -0.37
CA THR A 12 -0.46 -1.50 -1.66
C THR A 12 0.43 -1.82 -2.84
N LYS A 13 1.75 -1.87 -2.65
CA LYS A 13 2.66 -2.18 -3.75
C LYS A 13 2.45 -3.60 -4.24
N ALA A 14 1.89 -4.48 -3.40
CA ALA A 14 1.58 -5.84 -3.80
C ALA A 14 0.23 -5.89 -4.52
N ILE A 15 -0.69 -4.97 -4.19
CA ILE A 15 -2.01 -4.93 -4.81
C ILE A 15 -1.92 -4.42 -6.25
N LEU A 16 -1.01 -3.46 -6.50
CA LEU A 16 -0.82 -2.94 -7.85
C LEU A 16 -0.25 -4.01 -8.78
N ALA A 17 0.31 -5.08 -8.21
CA ALA A 17 0.81 -6.20 -9.00
C ALA A 17 -0.30 -7.19 -9.30
N VAL A 18 -1.38 -7.18 -8.50
CA VAL A 18 -2.51 -8.09 -8.69
C VAL A 18 -3.47 -7.48 -9.71
N ARG A 19 -3.53 -6.15 -9.79
CA ARG A 19 -4.37 -5.47 -10.77
C ARG A 19 -3.85 -5.64 -12.19
N ALA A 20 -4.75 -5.51 -13.17
CA ALA A 20 -4.43 -5.67 -14.57
C ALA A 20 -3.70 -4.44 -15.13
N TRP A 1 1.61 7.17 14.35
CA TRP A 1 1.26 8.11 13.28
C TRP A 1 1.05 7.40 11.95
N ASP A 2 -0.20 7.35 11.49
CA ASP A 2 -0.55 6.78 10.19
C ASP A 2 -1.91 7.29 9.73
N PRO A 3 -1.99 8.58 9.33
CA PRO A 3 -3.22 9.22 8.92
C PRO A 3 -3.72 8.73 7.56
N TYR A 4 -2.82 8.23 6.70
CA TYR A 4 -3.19 7.76 5.37
C TYR A 4 -2.17 6.86 4.66
N PHE A 5 -0.90 7.26 4.68
CA PHE A 5 0.21 6.60 4.00
C PHE A 5 1.56 6.62 4.70
N ALA A 6 1.56 6.59 6.02
CA ALA A 6 2.81 6.67 6.78
C ALA A 6 3.68 5.42 6.58
N GLY A 7 3.14 4.39 5.92
CA GLY A 7 3.90 3.17 5.65
C GLY A 7 3.05 2.06 5.04
N VAL A 8 1.76 2.32 4.79
CA VAL A 8 0.82 1.33 4.26
C VAL A 8 1.14 0.84 2.86
N LYS A 9 2.00 1.57 2.12
CA LYS A 9 2.29 1.20 0.74
C LYS A 9 2.99 -0.15 0.64
N LYS A 10 3.46 -0.71 1.76
CA LYS A 10 4.07 -2.04 1.76
C LYS A 10 3.01 -3.10 1.46
N LEU A 11 1.74 -2.76 1.71
CA LEU A 11 0.62 -3.63 1.38
C LEU A 11 0.14 -3.31 -0.03
N THR A 12 0.03 -2.03 -0.37
CA THR A 12 -0.49 -1.63 -1.67
C THR A 12 0.42 -1.96 -2.84
N LYS A 13 1.73 -2.02 -2.63
CA LYS A 13 2.67 -2.33 -3.69
C LYS A 13 2.42 -3.74 -4.23
N ALA A 14 1.93 -4.64 -3.37
CA ALA A 14 1.57 -5.99 -3.78
C ALA A 14 0.21 -6.00 -4.47
N ILE A 15 -0.66 -5.05 -4.15
CA ILE A 15 -1.98 -4.98 -4.74
C ILE A 15 -1.91 -4.40 -6.15
N LEU A 16 -1.02 -3.43 -6.39
CA LEU A 16 -0.85 -2.87 -7.73
C LEU A 16 -0.25 -3.91 -8.67
N ALA A 17 0.32 -4.99 -8.14
CA ALA A 17 0.83 -6.08 -8.95
C ALA A 17 -0.29 -7.05 -9.31
N VAL A 18 -1.37 -7.07 -8.52
CA VAL A 18 -2.51 -7.94 -8.76
C VAL A 18 -3.46 -7.24 -9.74
N ARG A 19 -3.52 -5.92 -9.71
CA ARG A 19 -4.34 -5.14 -10.64
C ARG A 19 -3.76 -5.16 -12.05
N ALA A 20 -4.58 -4.82 -13.04
CA ALA A 20 -4.16 -4.79 -14.44
C ALA A 20 -5.01 -3.81 -15.23
N TRP A 1 0.77 2.33 14.44
CA TRP A 1 0.54 3.71 13.99
C TRP A 1 0.46 3.79 12.47
N ASP A 2 -0.74 4.04 11.94
CA ASP A 2 -0.99 4.13 10.51
C ASP A 2 -2.18 5.02 10.12
N PRO A 3 -2.20 6.28 10.57
CA PRO A 3 -3.31 7.20 10.36
C PRO A 3 -3.41 7.65 8.88
N TYR A 4 -2.41 7.33 8.07
CA TYR A 4 -2.36 7.69 6.66
C TYR A 4 -1.29 6.77 6.09
N PHE A 5 -0.71 7.15 4.94
CA PHE A 5 0.42 6.47 4.32
C PHE A 5 1.73 6.39 5.11
N ALA A 6 1.64 6.19 6.43
CA ALA A 6 2.80 6.09 7.31
C ALA A 6 3.69 4.90 6.95
N GLY A 7 3.17 3.95 6.17
CA GLY A 7 3.90 2.76 5.75
C GLY A 7 3.00 1.76 5.03
N VAL A 8 1.73 2.12 4.81
CA VAL A 8 0.76 1.22 4.19
C VAL A 8 1.08 0.83 2.75
N LYS A 9 1.96 1.56 2.07
CA LYS A 9 2.31 1.22 0.69
C LYS A 9 2.98 -0.16 0.62
N LYS A 10 3.44 -0.69 1.76
CA LYS A 10 3.99 -2.03 1.84
C LYS A 10 2.92 -3.06 1.49
N LEU A 11 1.65 -2.73 1.70
CA LEU A 11 0.54 -3.58 1.29
C LEU A 11 0.14 -3.26 -0.14
N THR A 12 0.04 -1.96 -0.47
CA THR A 12 -0.44 -1.57 -1.77
C THR A 12 0.49 -1.90 -2.93
N LYS A 13 1.80 -1.97 -2.69
CA LYS A 13 2.76 -2.30 -3.72
C LYS A 13 2.51 -3.72 -4.25
N ALA A 14 2.00 -4.60 -3.39
CA ALA A 14 1.66 -5.96 -3.79
C ALA A 14 0.28 -6.02 -4.45
N ILE A 15 -0.63 -5.14 -4.07
CA ILE A 15 -1.98 -5.13 -4.61
C ILE A 15 -2.00 -4.53 -6.01
N LEU A 16 -1.18 -3.50 -6.26
CA LEU A 16 -1.12 -2.87 -7.57
C LEU A 16 -0.54 -3.82 -8.62
N ALA A 17 0.12 -4.89 -8.18
CA ALA A 17 0.62 -5.92 -9.08
C ALA A 17 -0.50 -6.91 -9.42
N VAL A 18 -1.45 -7.09 -8.50
CA VAL A 18 -2.57 -8.00 -8.70
C VAL A 18 -3.62 -7.32 -9.57
N ARG A 19 -3.75 -5.98 -9.44
CA ARG A 19 -4.67 -5.20 -10.25
C ARG A 19 -4.12 -4.93 -11.65
N ALA A 20 -2.91 -5.42 -11.93
CA ALA A 20 -2.24 -5.25 -13.20
C ALA A 20 -2.04 -3.77 -13.58
N TRP A 1 -4.97 4.58 12.53
CA TRP A 1 -4.03 5.71 12.38
C TRP A 1 -3.64 5.92 10.92
N ASP A 2 -4.46 6.67 10.19
CA ASP A 2 -4.29 6.92 8.75
C ASP A 2 -4.23 8.41 8.36
N PRO A 3 -3.39 9.22 9.01
CA PRO A 3 -3.26 10.64 8.72
C PRO A 3 -2.68 10.86 7.31
N TYR A 4 -1.97 9.87 6.79
CA TYR A 4 -1.41 9.85 5.45
C TYR A 4 -1.05 8.37 5.27
N PHE A 5 -0.30 8.02 4.22
CA PHE A 5 0.12 6.65 3.99
C PHE A 5 0.61 5.84 5.19
N ALA A 6 1.30 6.50 6.14
CA ALA A 6 1.79 5.87 7.36
C ALA A 6 2.55 4.57 7.14
N GLY A 7 3.06 4.33 5.93
CA GLY A 7 3.81 3.11 5.64
C GLY A 7 2.96 1.98 5.06
N VAL A 8 1.67 2.22 4.84
CA VAL A 8 0.74 1.21 4.32
C VAL A 8 1.09 0.80 2.89
N LYS A 9 1.93 1.57 2.17
CA LYS A 9 2.24 1.24 0.79
C LYS A 9 2.94 -0.11 0.66
N LYS A 10 3.44 -0.68 1.77
CA LYS A 10 4.04 -2.01 1.72
C LYS A 10 3.00 -3.06 1.38
N LEU A 11 1.72 -2.75 1.63
CA LEU A 11 0.61 -3.61 1.24
C LEU A 11 0.14 -3.25 -0.16
N THR A 12 0.10 -1.95 -0.48
CA THR A 12 -0.41 -1.52 -1.77
C THR A 12 0.47 -1.87 -2.96
N LYS A 13 1.79 -1.94 -2.78
CA LYS A 13 2.70 -2.32 -3.85
C LYS A 13 2.45 -3.76 -4.29
N ALA A 14 1.93 -4.59 -3.39
CA ALA A 14 1.58 -5.97 -3.72
C ALA A 14 0.20 -6.04 -4.36
N ILE A 15 -0.67 -5.05 -4.10
CA ILE A 15 -2.02 -5.03 -4.66
C ILE A 15 -1.98 -4.50 -6.09
N LEU A 16 -1.16 -3.49 -6.37
CA LEU A 16 -1.06 -2.93 -7.72
C LEU A 16 -0.47 -3.94 -8.70
N ALA A 17 0.20 -4.98 -8.17
CA ALA A 17 0.71 -6.06 -9.00
C ALA A 17 -0.39 -7.07 -9.34
N VAL A 18 -1.47 -7.07 -8.54
CA VAL A 18 -2.58 -7.98 -8.73
C VAL A 18 -3.73 -7.30 -9.46
N ARG A 19 -4.49 -6.47 -8.74
CA ARG A 19 -5.66 -5.76 -9.24
C ARG A 19 -6.69 -6.67 -9.92
N ALA A 20 -7.78 -6.08 -10.41
CA ALA A 20 -8.85 -6.80 -11.07
C ALA A 20 -9.61 -5.89 -12.03
N TRP A 1 0.47 5.94 14.65
CA TRP A 1 0.34 7.01 13.64
C TRP A 1 0.19 6.46 12.22
N ASP A 2 -1.00 6.60 11.65
CA ASP A 2 -1.29 6.20 10.28
C ASP A 2 -2.52 6.94 9.72
N PRO A 3 -2.37 8.23 9.39
CA PRO A 3 -3.46 9.06 8.92
C PRO A 3 -3.87 8.73 7.49
N TYR A 4 -2.94 8.18 6.68
CA TYR A 4 -3.22 7.86 5.28
C TYR A 4 -2.25 6.89 4.60
N PHE A 5 -0.96 7.11 4.80
CA PHE A 5 0.12 6.38 4.16
C PHE A 5 1.39 6.19 4.98
N ALA A 6 1.26 6.00 6.29
CA ALA A 6 2.40 5.80 7.16
C ALA A 6 3.01 4.41 6.96
N GLY A 7 3.68 4.20 5.82
CA GLY A 7 4.35 2.95 5.54
C GLY A 7 3.42 1.88 4.97
N VAL A 8 2.13 2.21 4.81
CA VAL A 8 1.12 1.27 4.34
C VAL A 8 1.26 0.89 2.87
N LYS A 9 2.09 1.61 2.09
CA LYS A 9 2.29 1.26 0.69
C LYS A 9 2.94 -0.12 0.58
N LYS A 10 3.40 -0.68 1.70
CA LYS A 10 3.93 -2.03 1.76
C LYS A 10 2.85 -3.05 1.39
N LEU A 11 1.60 -2.74 1.71
CA LEU A 11 0.47 -3.59 1.36
C LEU A 11 -0.01 -3.26 -0.04
N THR A 12 -0.03 -1.97 -0.39
CA THR A 12 -0.54 -1.56 -1.69
C THR A 12 0.37 -1.89 -2.87
N LYS A 13 1.69 -1.98 -2.64
CA LYS A 13 2.63 -2.32 -3.70
C LYS A 13 2.37 -3.74 -4.20
N ALA A 14 1.88 -4.62 -3.32
CA ALA A 14 1.55 -5.98 -3.70
C ALA A 14 0.21 -6.03 -4.43
N ILE A 15 -0.71 -5.10 -4.13
CA ILE A 15 -2.02 -5.08 -4.76
C ILE A 15 -1.92 -4.49 -6.17
N LEU A 16 -1.05 -3.50 -6.37
CA LEU A 16 -0.88 -2.89 -7.68
C LEU A 16 -0.29 -3.90 -8.67
N ALA A 17 0.36 -4.95 -8.17
CA ALA A 17 0.87 -6.02 -9.01
C ALA A 17 -0.25 -6.97 -9.40
N VAL A 18 -1.25 -7.14 -8.53
CA VAL A 18 -2.38 -8.01 -8.80
C VAL A 18 -3.33 -7.29 -9.75
N ARG A 19 -3.42 -5.96 -9.65
CA ARG A 19 -4.23 -5.14 -10.54
C ARG A 19 -3.55 -4.91 -11.89
N ALA A 20 -2.37 -5.52 -12.09
CA ALA A 20 -1.60 -5.39 -13.32
C ALA A 20 -1.31 -3.94 -13.70
N TRP A 1 1.28 4.58 14.09
CA TRP A 1 1.65 5.77 13.30
C TRP A 1 1.00 5.75 11.93
N ASP A 2 -0.02 6.60 11.73
CA ASP A 2 -0.78 6.69 10.49
C ASP A 2 -1.34 8.08 10.19
N PRO A 3 -0.49 9.11 10.14
CA PRO A 3 -0.89 10.50 9.98
C PRO A 3 -1.53 10.78 8.63
N TYR A 4 -1.31 9.93 7.63
CA TYR A 4 -1.95 10.07 6.32
C TYR A 4 -2.04 8.78 5.50
N PHE A 5 -1.02 7.93 5.59
CA PHE A 5 -0.99 6.66 4.87
C PHE A 5 0.15 5.87 5.49
N ALA A 6 1.22 6.54 5.94
CA ALA A 6 2.36 5.89 6.55
C ALA A 6 2.88 4.74 5.69
N GLY A 7 3.51 3.74 6.31
CA GLY A 7 4.12 2.62 5.63
C GLY A 7 3.11 1.64 5.03
N VAL A 8 1.82 1.97 5.02
CA VAL A 8 0.78 1.09 4.48
C VAL A 8 1.04 0.80 3.00
N LYS A 9 1.88 1.60 2.34
CA LYS A 9 2.21 1.39 0.94
C LYS A 9 2.89 0.04 0.71
N LYS A 10 3.33 -0.63 1.77
CA LYS A 10 3.96 -1.95 1.64
C LYS A 10 2.94 -2.98 1.21
N LEU A 11 1.66 -2.75 1.53
CA LEU A 11 0.58 -3.64 1.11
C LEU A 11 0.13 -3.26 -0.30
N THR A 12 0.06 -1.95 -0.57
CA THR A 12 -0.34 -1.48 -1.90
C THR A 12 0.63 -1.83 -3.02
N LYS A 13 1.92 -1.97 -2.69
CA LYS A 13 2.92 -2.38 -3.66
C LYS A 13 2.63 -3.79 -4.18
N ALA A 14 1.98 -4.62 -3.35
CA ALA A 14 1.59 -5.96 -3.76
C ALA A 14 0.23 -5.95 -4.46
N ILE A 15 -0.64 -5.01 -4.11
CA ILE A 15 -1.97 -4.93 -4.70
C ILE A 15 -1.90 -4.40 -6.14
N LEU A 16 -1.01 -3.45 -6.41
CA LEU A 16 -0.85 -2.91 -7.75
C LEU A 16 -0.28 -3.97 -8.70
N ALA A 17 0.27 -5.06 -8.15
CA ALA A 17 0.75 -6.18 -8.95
C ALA A 17 -0.39 -7.15 -9.25
N VAL A 18 -1.45 -7.13 -8.44
CA VAL A 18 -2.60 -8.01 -8.63
C VAL A 18 -3.58 -7.34 -9.61
N ARG A 19 -3.67 -6.01 -9.58
CA ARG A 19 -4.52 -5.26 -10.49
C ARG A 19 -3.92 -5.23 -11.90
N ALA A 20 -4.73 -4.88 -12.89
CA ALA A 20 -4.31 -4.81 -14.28
C ALA A 20 -5.19 -3.82 -15.06
N TRP A 1 2.58 5.30 14.22
CA TRP A 1 3.20 6.24 13.28
C TRP A 1 2.40 6.36 11.99
N ASP A 2 1.38 7.22 12.00
CA ASP A 2 0.47 7.44 10.87
C ASP A 2 0.35 8.90 10.40
N PRO A 3 1.47 9.57 10.10
CA PRO A 3 1.48 10.97 9.68
C PRO A 3 0.79 11.14 8.32
N TYR A 4 0.75 10.07 7.53
CA TYR A 4 0.05 10.03 6.24
C TYR A 4 -0.04 8.54 5.92
N PHE A 5 -0.09 8.19 4.64
CA PHE A 5 -0.16 6.82 4.15
C PHE A 5 1.00 6.04 4.79
N ALA A 6 2.10 6.73 5.13
CA ALA A 6 3.24 6.13 5.80
C ALA A 6 3.68 4.84 5.07
N GLY A 7 4.19 3.87 5.84
CA GLY A 7 4.68 2.61 5.28
C GLY A 7 3.57 1.67 4.82
N VAL A 8 2.30 2.11 4.84
CA VAL A 8 1.19 1.27 4.42
C VAL A 8 1.25 0.94 2.94
N LYS A 9 2.08 1.65 2.17
CA LYS A 9 2.28 1.32 0.75
C LYS A 9 2.89 -0.08 0.62
N LYS A 10 3.37 -0.66 1.73
CA LYS A 10 3.89 -2.02 1.77
C LYS A 10 2.80 -3.02 1.42
N LEU A 11 1.55 -2.71 1.74
CA LEU A 11 0.41 -3.56 1.40
C LEU A 11 -0.04 -3.26 -0.02
N THR A 12 0.00 -1.97 -0.40
CA THR A 12 -0.50 -1.57 -1.70
C THR A 12 0.40 -1.92 -2.88
N LYS A 13 1.73 -1.97 -2.68
CA LYS A 13 2.64 -2.30 -3.77
C LYS A 13 2.42 -3.73 -4.25
N ALA A 14 1.87 -4.59 -3.38
CA ALA A 14 1.56 -5.96 -3.74
C ALA A 14 0.22 -6.03 -4.47
N ILE A 15 -0.72 -5.14 -4.15
CA ILE A 15 -2.02 -5.11 -4.79
C ILE A 15 -1.92 -4.52 -6.20
N LEU A 16 -1.06 -3.52 -6.38
CA LEU A 16 -0.87 -2.92 -7.69
C LEU A 16 -0.22 -3.90 -8.67
N ALA A 17 0.33 -5.00 -8.17
CA ALA A 17 0.87 -6.06 -9.01
C ALA A 17 -0.23 -7.06 -9.39
N VAL A 18 -1.31 -7.12 -8.60
CA VAL A 18 -2.41 -8.03 -8.86
C VAL A 18 -3.42 -7.35 -9.79
N ARG A 19 -3.57 -6.03 -9.67
CA ARG A 19 -4.45 -5.26 -10.54
C ARG A 19 -3.85 -5.09 -11.93
N ALA A 20 -4.68 -4.74 -12.90
CA ALA A 20 -4.26 -4.53 -14.29
C ALA A 20 -5.20 -3.57 -15.00
N TRP A 1 0.93 1.78 14.17
CA TRP A 1 0.53 3.15 13.83
C TRP A 1 0.33 3.32 12.32
N ASP A 2 -0.93 3.38 11.89
CA ASP A 2 -1.29 3.50 10.48
C ASP A 2 -2.58 4.29 10.20
N PRO A 3 -2.69 5.51 10.75
CA PRO A 3 -3.87 6.36 10.61
C PRO A 3 -4.10 6.79 9.15
N TYR A 4 -3.07 6.70 8.31
CA TYR A 4 -3.13 7.02 6.89
C TYR A 4 -1.92 6.35 6.27
N PHE A 5 -1.46 6.83 5.11
CA PHE A 5 -0.24 6.38 4.44
C PHE A 5 1.09 6.48 5.21
N ALA A 6 1.04 6.30 6.53
CA ALA A 6 2.22 6.32 7.38
C ALA A 6 3.22 5.22 7.02
N GLY A 7 2.78 4.22 6.24
CA GLY A 7 3.63 3.12 5.82
C GLY A 7 2.86 2.00 5.13
N VAL A 8 1.56 2.20 4.90
CA VAL A 8 0.67 1.19 4.32
C VAL A 8 1.03 0.81 2.88
N LYS A 9 1.89 1.58 2.22
CA LYS A 9 2.25 1.31 0.82
C LYS A 9 2.94 -0.04 0.67
N LYS A 10 3.38 -0.66 1.78
CA LYS A 10 4.01 -1.97 1.74
C LYS A 10 2.98 -3.03 1.35
N LEU A 11 1.69 -2.75 1.57
CA LEU A 11 0.62 -3.64 1.17
C LEU A 11 0.15 -3.29 -0.25
N THR A 12 0.07 -1.99 -0.54
CA THR A 12 -0.35 -1.55 -1.87
C THR A 12 0.64 -1.89 -2.98
N LYS A 13 1.93 -2.01 -2.66
CA LYS A 13 2.94 -2.39 -3.64
C LYS A 13 2.66 -3.80 -4.17
N ALA A 14 2.03 -4.65 -3.34
CA ALA A 14 1.64 -5.99 -3.75
C ALA A 14 0.28 -5.98 -4.44
N ILE A 15 -0.61 -5.05 -4.07
CA ILE A 15 -1.94 -4.98 -4.67
C ILE A 15 -1.89 -4.42 -6.08
N LEU A 16 -1.02 -3.45 -6.34
CA LEU A 16 -0.90 -2.87 -7.67
C LEU A 16 -0.33 -3.89 -8.65
N ALA A 17 0.24 -4.99 -8.15
CA ALA A 17 0.72 -6.08 -9.00
C ALA A 17 -0.42 -7.05 -9.32
N VAL A 18 -1.46 -7.07 -8.48
CA VAL A 18 -2.62 -7.95 -8.67
C VAL A 18 -3.62 -7.27 -9.60
N ARG A 19 -3.67 -5.93 -9.60
CA ARG A 19 -4.56 -5.19 -10.49
C ARG A 19 -4.09 -5.30 -11.94
N ALA A 20 -5.02 -5.08 -12.87
CA ALA A 20 -4.75 -5.18 -14.30
C ALA A 20 -4.01 -3.94 -14.83
N TRP A 1 2.09 4.67 15.61
CA TRP A 1 2.08 5.86 14.74
C TRP A 1 1.50 5.56 13.36
N ASP A 2 0.29 6.08 13.10
CA ASP A 2 -0.37 5.94 11.81
C ASP A 2 -1.40 7.07 11.61
N PRO A 3 -0.92 8.29 11.33
CA PRO A 3 -1.77 9.46 11.17
C PRO A 3 -2.63 9.41 9.90
N TYR A 4 -2.29 8.54 8.94
CA TYR A 4 -3.10 8.42 7.72
C TYR A 4 -2.95 7.11 6.94
N PHE A 5 -1.71 6.65 6.75
CA PHE A 5 -1.43 5.50 5.89
C PHE A 5 0.03 5.14 6.15
N ALA A 6 0.50 5.28 7.39
CA ALA A 6 1.91 5.11 7.71
C ALA A 6 2.41 3.74 7.27
N GLY A 7 3.26 3.73 6.24
CA GLY A 7 3.90 2.52 5.73
C GLY A 7 2.94 1.53 5.08
N VAL A 8 1.66 1.87 4.94
CA VAL A 8 0.69 0.97 4.33
C VAL A 8 0.96 0.77 2.84
N LYS A 9 1.82 1.61 2.23
CA LYS A 9 2.19 1.45 0.83
C LYS A 9 2.89 0.12 0.61
N LYS A 10 3.36 -0.52 1.68
CA LYS A 10 3.98 -1.84 1.61
C LYS A 10 2.94 -2.89 1.22
N LEU A 11 1.67 -2.66 1.55
CA LEU A 11 0.59 -3.56 1.14
C LEU A 11 0.16 -3.23 -0.29
N THR A 12 0.13 -1.93 -0.63
CA THR A 12 -0.24 -1.52 -1.97
C THR A 12 0.73 -1.96 -3.05
N LYS A 13 2.02 -2.10 -2.72
CA LYS A 13 3.01 -2.56 -3.68
C LYS A 13 2.68 -3.98 -4.15
N ALA A 14 2.01 -4.77 -3.30
CA ALA A 14 1.57 -6.11 -3.67
C ALA A 14 0.21 -6.08 -4.35
N ILE A 15 -0.65 -5.11 -4.01
CA ILE A 15 -1.99 -5.03 -4.59
C ILE A 15 -1.95 -4.46 -6.00
N LEU A 16 -1.08 -3.47 -6.26
CA LEU A 16 -0.97 -2.88 -7.58
C LEU A 16 -0.40 -3.90 -8.57
N ALA A 17 0.28 -4.94 -8.06
CA ALA A 17 0.79 -6.02 -8.88
C ALA A 17 -0.35 -6.98 -9.25
N VAL A 18 -1.44 -6.99 -8.48
CA VAL A 18 -2.59 -7.83 -8.74
C VAL A 18 -3.58 -7.08 -9.61
N ARG A 19 -3.67 -5.75 -9.44
CA ARG A 19 -4.59 -4.91 -10.20
C ARG A 19 -4.09 -4.56 -11.59
N ALA A 20 -2.78 -4.70 -11.83
CA ALA A 20 -2.21 -4.29 -13.10
C ALA A 20 -0.83 -4.90 -13.34
N TRP A 1 1.01 4.78 14.06
CA TRP A 1 1.53 5.93 13.29
C TRP A 1 0.99 5.95 11.86
N ASP A 2 0.04 6.86 11.58
CA ASP A 2 -0.55 7.00 10.27
C ASP A 2 -1.05 8.44 10.03
N PRO A 3 -0.13 9.39 9.83
CA PRO A 3 -0.45 10.80 9.62
C PRO A 3 -1.11 11.06 8.27
N TYR A 4 -0.97 10.14 7.32
CA TYR A 4 -1.60 10.27 6.02
C TYR A 4 -1.73 8.95 5.23
N PHE A 5 -0.73 8.07 5.35
CA PHE A 5 -0.73 6.79 4.65
C PHE A 5 0.40 5.99 5.30
N ALA A 6 1.48 6.65 5.74
CA ALA A 6 2.60 5.98 6.39
C ALA A 6 3.12 4.80 5.54
N GLY A 7 3.70 3.79 6.20
CA GLY A 7 4.29 2.64 5.54
C GLY A 7 3.25 1.66 4.98
N VAL A 8 1.96 2.03 4.98
CA VAL A 8 0.90 1.15 4.47
C VAL A 8 1.12 0.81 3.01
N LYS A 9 1.98 1.57 2.31
CA LYS A 9 2.27 1.31 0.90
C LYS A 9 2.94 -0.06 0.72
N LYS A 10 3.41 -0.69 1.80
CA LYS A 10 4.00 -2.02 1.72
C LYS A 10 2.94 -3.05 1.36
N LEU A 11 1.68 -2.75 1.68
CA LEU A 11 0.55 -3.59 1.31
C LEU A 11 0.11 -3.24 -0.10
N THR A 12 0.05 -1.95 -0.42
CA THR A 12 -0.45 -1.52 -1.72
C THR A 12 0.47 -1.85 -2.88
N LYS A 13 1.78 -1.92 -2.65
CA LYS A 13 2.74 -2.25 -3.69
C LYS A 13 2.47 -3.64 -4.25
N ALA A 14 1.93 -4.55 -3.41
CA ALA A 14 1.57 -5.88 -3.86
C ALA A 14 0.21 -5.87 -4.56
N ILE A 15 -0.67 -4.94 -4.21
CA ILE A 15 -2.00 -4.87 -4.81
C ILE A 15 -1.91 -4.37 -6.24
N LEU A 16 -0.98 -3.45 -6.54
CA LEU A 16 -0.81 -2.96 -7.90
C LEU A 16 -0.30 -4.08 -8.80
N ALA A 17 0.35 -5.10 -8.23
CA ALA A 17 0.80 -6.25 -9.00
C ALA A 17 -0.35 -7.20 -9.30
N VAL A 18 -1.37 -7.22 -8.43
CA VAL A 18 -2.54 -8.07 -8.63
C VAL A 18 -3.40 -7.44 -9.73
N ARG A 19 -3.38 -6.11 -9.84
CA ARG A 19 -4.11 -5.41 -10.89
C ARG A 19 -3.32 -5.38 -12.20
N ALA A 20 -2.19 -6.08 -12.26
CA ALA A 20 -1.33 -6.16 -13.43
C ALA A 20 -0.90 -4.78 -13.95
N TRP A 1 3.64 6.03 14.74
CA TRP A 1 3.11 7.12 13.91
C TRP A 1 2.59 6.61 12.57
N ASP A 2 1.26 6.63 12.38
CA ASP A 2 0.64 6.23 11.14
C ASP A 2 -0.77 6.84 10.98
N PRO A 3 -0.84 8.16 10.77
CA PRO A 3 -2.10 8.86 10.58
C PRO A 3 -2.74 8.48 9.25
N TYR A 4 -1.92 8.29 8.21
CA TYR A 4 -2.38 7.86 6.89
C TYR A 4 -1.07 7.59 6.15
N PHE A 5 -1.06 6.59 5.27
CA PHE A 5 0.05 6.32 4.36
C PHE A 5 1.49 6.47 4.88
N ALA A 6 1.69 6.35 6.19
CA ALA A 6 3.00 6.53 6.77
C ALA A 6 3.96 5.38 6.43
N GLY A 7 3.42 4.30 5.83
CA GLY A 7 4.20 3.15 5.43
C GLY A 7 3.34 2.03 4.86
N VAL A 8 2.02 2.28 4.74
CA VAL A 8 1.06 1.28 4.28
C VAL A 8 1.22 0.88 2.81
N LYS A 9 2.04 1.61 2.04
CA LYS A 9 2.29 1.25 0.65
C LYS A 9 2.94 -0.13 0.55
N LYS A 10 3.41 -0.67 1.68
CA LYS A 10 3.96 -2.01 1.76
C LYS A 10 2.89 -3.04 1.40
N LEU A 11 1.62 -2.74 1.71
CA LEU A 11 0.49 -3.59 1.36
C LEU A 11 0.02 -3.28 -0.05
N THR A 12 0.00 -1.99 -0.41
CA THR A 12 -0.50 -1.61 -1.72
C THR A 12 0.41 -1.96 -2.89
N LYS A 13 1.73 -2.05 -2.65
CA LYS A 13 2.67 -2.41 -3.71
C LYS A 13 2.38 -3.83 -4.20
N ALA A 14 1.90 -4.70 -3.33
CA ALA A 14 1.52 -6.05 -3.70
C ALA A 14 0.17 -6.07 -4.42
N ILE A 15 -0.71 -5.10 -4.11
CA ILE A 15 -2.03 -5.05 -4.72
C ILE A 15 -1.97 -4.46 -6.12
N LEU A 16 -1.13 -3.44 -6.35
CA LEU A 16 -0.98 -2.85 -7.67
C LEU A 16 -0.35 -3.86 -8.62
N ALA A 17 0.34 -4.88 -8.09
CA ALA A 17 0.91 -5.94 -8.91
C ALA A 17 -0.18 -6.91 -9.34
N VAL A 18 -1.21 -7.10 -8.50
CA VAL A 18 -2.34 -7.96 -8.82
C VAL A 18 -3.23 -7.23 -9.83
N ARG A 19 -3.26 -5.89 -9.77
CA ARG A 19 -3.99 -5.06 -10.70
C ARG A 19 -3.26 -4.89 -12.03
N ALA A 20 -2.12 -5.57 -12.19
CA ALA A 20 -1.31 -5.51 -13.40
C ALA A 20 -0.93 -4.08 -13.80
N TRP A 1 0.19 2.21 14.23
CA TRP A 1 -0.19 3.57 13.82
C TRP A 1 -0.26 3.70 12.30
N ASP A 2 -1.47 3.52 11.75
CA ASP A 2 -1.74 3.57 10.31
C ASP A 2 -3.01 4.35 9.93
N PRO A 3 -3.18 5.59 10.43
CA PRO A 3 -4.37 6.39 10.20
C PRO A 3 -4.49 6.86 8.74
N TYR A 4 -3.42 6.71 7.95
CA TYR A 4 -3.39 7.13 6.56
C TYR A 4 -2.16 6.40 6.00
N PHE A 5 -1.62 6.89 4.88
CA PHE A 5 -0.37 6.39 4.30
C PHE A 5 0.90 6.49 5.15
N ALA A 6 0.78 6.28 6.46
CA ALA A 6 1.90 6.32 7.38
C ALA A 6 2.96 5.27 7.04
N GLY A 7 2.59 4.26 6.25
CA GLY A 7 3.50 3.19 5.83
C GLY A 7 2.76 2.05 5.14
N VAL A 8 1.46 2.22 4.87
CA VAL A 8 0.62 1.19 4.28
C VAL A 8 1.01 0.79 2.86
N LYS A 9 1.87 1.56 2.20
CA LYS A 9 2.25 1.29 0.81
C LYS A 9 2.96 -0.06 0.67
N LYS A 10 3.40 -0.66 1.78
CA LYS A 10 4.03 -1.98 1.74
C LYS A 10 3.00 -3.05 1.36
N LEU A 11 1.71 -2.77 1.57
CA LEU A 11 0.64 -3.67 1.15
C LEU A 11 0.17 -3.29 -0.26
N THR A 12 0.10 -1.99 -0.54
CA THR A 12 -0.33 -1.53 -1.86
C THR A 12 0.64 -1.84 -2.98
N LYS A 13 1.93 -2.00 -2.66
CA LYS A 13 2.93 -2.38 -3.65
C LYS A 13 2.63 -3.79 -4.17
N ALA A 14 2.02 -4.64 -3.33
CA ALA A 14 1.63 -5.98 -3.74
C ALA A 14 0.28 -5.98 -4.44
N ILE A 15 -0.61 -5.06 -4.05
CA ILE A 15 -1.96 -4.98 -4.64
C ILE A 15 -1.89 -4.42 -6.06
N LEU A 16 -0.99 -3.46 -6.31
CA LEU A 16 -0.86 -2.87 -7.63
C LEU A 16 -0.31 -3.88 -8.63
N ALA A 17 0.25 -5.00 -8.15
CA ALA A 17 0.70 -6.08 -9.01
C ALA A 17 -0.44 -7.05 -9.32
N VAL A 18 -1.47 -7.07 -8.46
CA VAL A 18 -2.63 -7.93 -8.65
C VAL A 18 -3.62 -7.23 -9.59
N ARG A 19 -3.64 -5.89 -9.57
CA ARG A 19 -4.51 -5.11 -10.43
C ARG A 19 -4.04 -5.15 -11.87
N ALA A 20 -4.97 -4.91 -12.81
CA ALA A 20 -4.69 -4.92 -14.23
C ALA A 20 -3.85 -3.71 -14.63
N TRP A 1 -2.27 4.66 13.70
CA TRP A 1 -1.89 5.90 13.00
C TRP A 1 -1.76 5.67 11.50
N ASP A 2 -2.71 6.20 10.73
CA ASP A 2 -2.75 6.06 9.27
C ASP A 2 -3.51 7.20 8.57
N PRO A 3 -3.06 8.45 8.75
CA PRO A 3 -3.75 9.63 8.25
C PRO A 3 -3.78 9.69 6.72
N TYR A 4 -2.86 8.99 6.05
CA TYR A 4 -2.81 8.92 4.59
C TYR A 4 -2.09 7.70 4.05
N PHE A 5 -0.98 7.33 4.69
CA PHE A 5 -0.19 6.16 4.36
C PHE A 5 0.51 5.46 5.53
N ALA A 6 1.31 6.21 6.29
CA ALA A 6 2.02 5.69 7.46
C ALA A 6 2.83 4.41 7.18
N GLY A 7 3.18 4.14 5.92
CA GLY A 7 3.95 2.95 5.58
C GLY A 7 3.11 1.80 5.01
N VAL A 8 1.78 1.98 4.92
CA VAL A 8 0.88 0.96 4.40
C VAL A 8 1.10 0.72 2.91
N LYS A 9 1.94 1.53 2.24
CA LYS A 9 2.27 1.27 0.84
C LYS A 9 2.91 -0.10 0.68
N LYS A 10 3.37 -0.70 1.78
CA LYS A 10 3.91 -2.05 1.80
C LYS A 10 2.86 -3.05 1.33
N LEU A 11 1.57 -2.75 1.54
CA LEU A 11 0.50 -3.60 1.07
C LEU A 11 0.04 -3.16 -0.33
N THR A 12 0.04 -1.85 -0.60
CA THR A 12 -0.38 -1.35 -1.90
C THR A 12 0.54 -1.71 -3.06
N LYS A 13 1.86 -1.81 -2.81
CA LYS A 13 2.80 -2.22 -3.85
C LYS A 13 2.57 -3.68 -4.25
N ALA A 14 1.97 -4.48 -3.35
CA ALA A 14 1.62 -5.85 -3.68
C ALA A 14 0.27 -5.90 -4.39
N ILE A 15 -0.64 -5.00 -4.05
CA ILE A 15 -1.97 -4.97 -4.67
C ILE A 15 -1.88 -4.43 -6.10
N LEU A 16 -0.99 -3.47 -6.36
CA LEU A 16 -0.82 -2.93 -7.69
C LEU A 16 -0.25 -3.96 -8.66
N ALA A 17 0.29 -5.07 -8.12
CA ALA A 17 0.77 -6.17 -8.95
C ALA A 17 -0.36 -7.16 -9.24
N VAL A 18 -1.40 -7.18 -8.39
CA VAL A 18 -2.55 -8.06 -8.57
C VAL A 18 -3.53 -7.41 -9.54
N ARG A 19 -3.56 -6.08 -9.60
CA ARG A 19 -4.41 -5.34 -10.51
C ARG A 19 -3.91 -5.46 -11.95
N ALA A 20 -4.83 -5.25 -12.90
CA ALA A 20 -4.53 -5.35 -14.33
C ALA A 20 -3.76 -4.13 -14.84
N TRP A 1 -5.04 7.25 12.11
CA TRP A 1 -3.81 8.00 11.81
C TRP A 1 -3.36 7.78 10.38
N ASP A 2 -3.56 8.79 9.52
CA ASP A 2 -3.24 8.71 8.10
C ASP A 2 -2.84 10.05 7.49
N PRO A 3 -1.76 10.68 7.99
CA PRO A 3 -1.22 11.92 7.44
C PRO A 3 -0.56 11.67 6.09
N TYR A 4 -0.11 10.44 5.86
CA TYR A 4 0.49 9.98 4.61
C TYR A 4 0.45 8.45 4.79
N PHE A 5 1.06 7.70 3.86
CA PHE A 5 1.07 6.24 3.91
C PHE A 5 1.27 5.58 5.27
N ALA A 6 2.04 6.20 6.18
CA ALA A 6 2.32 5.63 7.50
C ALA A 6 2.84 4.20 7.42
N GLY A 7 3.34 3.77 6.26
CA GLY A 7 3.87 2.43 6.09
C GLY A 7 2.91 1.47 5.38
N VAL A 8 1.68 1.90 5.08
CA VAL A 8 0.66 1.06 4.44
C VAL A 8 1.04 0.69 3.01
N LYS A 9 1.89 1.47 2.33
CA LYS A 9 2.23 1.18 0.93
C LYS A 9 2.96 -0.15 0.78
N LYS A 10 3.35 -0.80 1.87
CA LYS A 10 3.97 -2.13 1.79
C LYS A 10 2.94 -3.16 1.34
N LEU A 11 1.65 -2.86 1.53
CA LEU A 11 0.57 -3.70 1.05
C LEU A 11 0.14 -3.25 -0.34
N THR A 12 0.09 -1.93 -0.56
CA THR A 12 -0.33 -1.40 -1.85
C THR A 12 0.63 -1.72 -3.00
N LYS A 13 1.94 -1.79 -2.74
CA LYS A 13 2.90 -2.13 -3.78
C LYS A 13 2.70 -3.56 -4.27
N ALA A 14 2.02 -4.39 -3.46
CA ALA A 14 1.67 -5.74 -3.86
C ALA A 14 0.27 -5.78 -4.49
N ILE A 15 -0.58 -4.80 -4.16
CA ILE A 15 -1.92 -4.74 -4.74
C ILE A 15 -1.85 -4.28 -6.20
N LEU A 16 -0.92 -3.37 -6.53
CA LEU A 16 -0.77 -2.91 -7.90
C LEU A 16 -0.30 -4.05 -8.80
N ALA A 17 0.24 -5.12 -8.21
CA ALA A 17 0.67 -6.30 -8.96
C ALA A 17 -0.45 -7.33 -9.08
N VAL A 18 -1.56 -7.16 -8.35
CA VAL A 18 -2.63 -8.14 -8.32
C VAL A 18 -3.96 -7.56 -8.77
N ARG A 19 -4.44 -6.50 -8.09
CA ARG A 19 -5.71 -5.83 -8.38
C ARG A 19 -6.88 -6.78 -8.57
N ALA A 20 -6.87 -7.93 -7.89
CA ALA A 20 -7.90 -8.96 -7.96
C ALA A 20 -8.20 -9.41 -9.39
N TRP A 1 1.29 4.82 13.84
CA TRP A 1 1.71 6.01 13.06
C TRP A 1 1.12 6.00 11.66
N ASP A 2 0.13 6.87 11.42
CA ASP A 2 -0.58 6.96 10.16
C ASP A 2 -1.13 8.35 9.83
N PRO A 3 -0.26 9.38 9.80
CA PRO A 3 -0.67 10.76 9.63
C PRO A 3 -1.27 11.04 8.25
N TYR A 4 -1.03 10.17 7.27
CA TYR A 4 -1.62 10.33 5.95
C TYR A 4 -1.72 9.04 5.15
N PHE A 5 -0.71 8.16 5.27
CA PHE A 5 -0.69 6.88 4.57
C PHE A 5 0.43 6.08 5.23
N ALA A 6 1.52 6.74 5.65
CA ALA A 6 2.65 6.08 6.29
C ALA A 6 3.15 4.89 5.47
N GLY A 7 3.76 3.90 6.12
CA GLY A 7 4.33 2.74 5.47
C GLY A 7 3.29 1.75 4.93
N VAL A 8 2.00 2.12 4.92
CA VAL A 8 0.94 1.24 4.44
C VAL A 8 1.17 0.87 2.97
N LYS A 9 2.02 1.60 2.25
CA LYS A 9 2.30 1.29 0.85
C LYS A 9 2.95 -0.08 0.68
N LYS A 10 3.43 -0.69 1.77
CA LYS A 10 4.01 -2.02 1.71
C LYS A 10 2.92 -3.05 1.37
N LEU A 11 1.66 -2.73 1.69
CA LEU A 11 0.53 -3.57 1.34
C LEU A 11 0.07 -3.23 -0.07
N THR A 12 0.02 -1.94 -0.40
CA THR A 12 -0.48 -1.51 -1.68
C THR A 12 0.42 -1.85 -2.87
N LYS A 13 1.74 -1.95 -2.63
CA LYS A 13 2.68 -2.29 -3.69
C LYS A 13 2.41 -3.70 -4.22
N ALA A 14 1.90 -4.59 -3.36
CA ALA A 14 1.57 -5.95 -3.76
C ALA A 14 0.22 -5.98 -4.49
N ILE A 15 -0.69 -5.05 -4.16
CA ILE A 15 -2.00 -5.01 -4.78
C ILE A 15 -1.90 -4.46 -6.21
N LEU A 16 -1.00 -3.50 -6.44
CA LEU A 16 -0.81 -2.93 -7.77
C LEU A 16 -0.23 -3.97 -8.74
N ALA A 17 0.31 -5.07 -8.21
CA ALA A 17 0.81 -6.16 -9.05
C ALA A 17 -0.32 -7.13 -9.39
N VAL A 18 -1.38 -7.15 -8.57
CA VAL A 18 -2.51 -8.04 -8.78
C VAL A 18 -3.49 -7.39 -9.75
N ARG A 19 -3.60 -6.05 -9.69
CA ARG A 19 -4.46 -5.31 -10.59
C ARG A 19 -3.85 -5.24 -11.99
N ALA A 20 -4.69 -4.96 -12.99
CA ALA A 20 -4.25 -4.87 -14.38
C ALA A 20 -5.19 -3.95 -15.18
N TRP A 1 1.16 1.62 14.04
CA TRP A 1 0.77 3.01 13.74
C TRP A 1 0.54 3.21 12.25
N ASP A 2 -0.73 3.27 11.84
CA ASP A 2 -1.13 3.42 10.45
C ASP A 2 -2.43 4.23 10.24
N PRO A 3 -2.50 5.45 10.78
CA PRO A 3 -3.68 6.31 10.69
C PRO A 3 -3.95 6.77 9.26
N TYR A 4 -2.95 6.67 8.38
CA TYR A 4 -3.04 7.01 6.96
C TYR A 4 -1.84 6.31 6.31
N PHE A 5 -1.41 6.79 5.15
CA PHE A 5 -0.20 6.33 4.45
C PHE A 5 1.14 6.42 5.20
N ALA A 6 1.10 6.31 6.54
CA ALA A 6 2.27 6.33 7.40
C ALA A 6 3.24 5.18 7.07
N GLY A 7 2.79 4.18 6.32
CA GLY A 7 3.63 3.04 5.92
C GLY A 7 2.84 1.95 5.21
N VAL A 8 1.56 2.17 4.94
CA VAL A 8 0.68 1.17 4.33
C VAL A 8 1.05 0.80 2.89
N LYS A 9 1.94 1.56 2.23
CA LYS A 9 2.29 1.29 0.85
C LYS A 9 2.97 -0.08 0.69
N LYS A 10 3.40 -0.70 1.80
CA LYS A 10 4.00 -2.03 1.75
C LYS A 10 2.95 -3.07 1.35
N LEU A 11 1.67 -2.77 1.58
CA LEU A 11 0.59 -3.65 1.16
C LEU A 11 0.14 -3.28 -0.25
N THR A 12 0.08 -1.97 -0.55
CA THR A 12 -0.35 -1.52 -1.87
C THR A 12 0.63 -1.85 -2.99
N LYS A 13 1.92 -1.97 -2.67
CA LYS A 13 2.92 -2.35 -3.66
C LYS A 13 2.63 -3.74 -4.21
N ALA A 14 2.01 -4.60 -3.38
CA ALA A 14 1.60 -5.93 -3.81
C ALA A 14 0.25 -5.89 -4.53
N ILE A 15 -0.66 -5.02 -4.09
CA ILE A 15 -1.99 -4.93 -4.67
C ILE A 15 -1.94 -4.35 -6.09
N LEU A 16 -1.02 -3.42 -6.35
CA LEU A 16 -0.89 -2.86 -7.68
C LEU A 16 -0.34 -3.91 -8.65
N ALA A 17 0.23 -5.00 -8.14
CA ALA A 17 0.72 -6.09 -8.98
C ALA A 17 -0.38 -7.12 -9.25
N VAL A 18 -1.44 -7.11 -8.44
CA VAL A 18 -2.55 -8.05 -8.59
C VAL A 18 -3.48 -7.57 -9.71
N ARG A 19 -3.32 -6.31 -10.14
CA ARG A 19 -4.15 -5.72 -11.18
C ARG A 19 -3.95 -6.45 -12.51
N ALA A 20 -4.95 -6.36 -13.40
CA ALA A 20 -4.90 -7.01 -14.70
C ALA A 20 -5.81 -6.27 -15.69
N TRP A 1 2.60 1.23 13.51
CA TRP A 1 2.38 2.67 13.32
C TRP A 1 1.88 2.98 11.91
N ASP A 2 0.56 2.84 11.71
CA ASP A 2 -0.11 3.03 10.42
C ASP A 2 -1.25 4.05 10.44
N PRO A 3 -1.02 5.27 10.96
CA PRO A 3 -2.05 6.31 11.09
C PRO A 3 -2.53 6.80 9.72
N TYR A 4 -1.70 6.62 8.69
CA TYR A 4 -1.99 7.00 7.31
C TYR A 4 -0.92 6.26 6.51
N PHE A 5 -0.62 6.72 5.29
CA PHE A 5 0.49 6.22 4.48
C PHE A 5 1.90 6.28 5.07
N ALA A 6 2.01 6.23 6.41
CA ALA A 6 3.27 6.22 7.13
C ALA A 6 4.11 5.00 6.77
N GLY A 7 3.52 4.00 6.11
CA GLY A 7 4.22 2.80 5.68
C GLY A 7 3.30 1.77 5.03
N VAL A 8 2.01 2.09 4.90
CA VAL A 8 1.01 1.17 4.35
C VAL A 8 1.22 0.84 2.87
N LYS A 9 2.11 1.56 2.17
CA LYS A 9 2.37 1.24 0.76
C LYS A 9 2.96 -0.17 0.65
N LYS A 10 3.42 -0.74 1.77
CA LYS A 10 3.91 -2.11 1.82
C LYS A 10 2.81 -3.08 1.39
N LEU A 11 1.55 -2.73 1.67
CA LEU A 11 0.41 -3.53 1.27
C LEU A 11 0.01 -3.19 -0.16
N THR A 12 0.04 -1.90 -0.50
CA THR A 12 -0.43 -1.48 -1.82
C THR A 12 0.48 -1.88 -2.98
N LYS A 13 1.80 -1.90 -2.76
CA LYS A 13 2.72 -2.29 -3.82
C LYS A 13 2.51 -3.74 -4.24
N ALA A 14 1.91 -4.55 -3.36
CA ALA A 14 1.56 -5.93 -3.70
C ALA A 14 0.22 -6.00 -4.42
N ILE A 15 -0.69 -5.06 -4.11
CA ILE A 15 -2.03 -5.04 -4.72
C ILE A 15 -1.97 -4.47 -6.14
N LEU A 16 -1.13 -3.45 -6.36
CA LEU A 16 -1.00 -2.87 -7.69
C LEU A 16 -0.36 -3.86 -8.66
N ALA A 17 0.26 -4.93 -8.13
CA ALA A 17 0.83 -5.98 -8.96
C ALA A 17 -0.21 -7.05 -9.29
N VAL A 18 -1.29 -7.14 -8.49
CA VAL A 18 -2.34 -8.12 -8.71
C VAL A 18 -3.34 -7.58 -9.73
N ARG A 19 -3.55 -6.26 -9.75
CA ARG A 19 -4.47 -5.65 -10.71
C ARG A 19 -3.85 -5.62 -12.11
N ALA A 20 -4.68 -5.51 -13.13
CA ALA A 20 -4.24 -5.46 -14.52
C ALA A 20 -5.27 -4.72 -15.38
#